data_5N13
#
_entry.id   5N13
#
_cell.length_a   38.754
_cell.length_b   45.196
_cell.length_c   71.828
_cell.angle_alpha   90.00
_cell.angle_beta   90.00
_cell.angle_gamma   90.00
#
_symmetry.space_group_name_H-M   'P 21 21 21'
#
loop_
_entity.id
_entity.type
_entity.pdbx_description
1 polymer 'Bromodomain-containing factor 1'
2 non-polymer GLYCEROL
3 water water
#
_entity_poly.entity_id   1
_entity_poly.type   'polypeptide(L)'
_entity_poly.pdbx_seq_one_letter_code
;AMGAAELRFCNQTIKELMSKKHYNYNFPFLAPVDTVALNIPNYNEIVKQPMDLGTIQSKLANNEYENADDFEKDVRLVFK
NCYLFNPEGTDVNMMGHRLEAVFDKKWAN
;
_entity_poly.pdbx_strand_id   A
#
loop_
_chem_comp.id
_chem_comp.type
_chem_comp.name
_chem_comp.formula
GOL non-polymer GLYCEROL 'C3 H8 O3'
#
# COMPACT_ATOMS: atom_id res chain seq x y z
N ALA A 1 -5.25 12.86 15.67
CA ALA A 1 -4.40 12.57 14.51
C ALA A 1 -2.92 12.79 14.83
N MET A 2 -2.06 12.28 13.96
CA MET A 2 -0.64 12.41 14.17
C MET A 2 -0.22 13.88 14.14
N GLY A 3 0.96 14.15 14.68
CA GLY A 3 1.51 15.49 14.67
C GLY A 3 1.86 15.97 13.28
N ALA A 4 2.03 17.29 13.17
CA ALA A 4 2.24 17.93 11.87
C ALA A 4 3.49 17.42 11.17
N ALA A 5 4.58 17.21 11.92
CA ALA A 5 5.82 16.79 11.28
C ALA A 5 5.72 15.38 10.71
N GLU A 6 5.14 14.47 11.49
CA GLU A 6 4.94 13.11 10.98
C GLU A 6 3.91 13.08 9.85
N LEU A 7 2.87 13.92 9.92
CA LEU A 7 1.90 13.99 8.83
C LEU A 7 2.59 14.37 7.53
N ARG A 8 3.46 15.37 7.58
CA ARG A 8 4.20 15.77 6.38
C ARG A 8 5.06 14.62 5.86
N PHE A 9 5.74 13.91 6.77
CA PHE A 9 6.60 12.81 6.36
C PHE A 9 5.78 11.68 5.73
N CYS A 10 4.65 11.33 6.33
CA CYS A 10 3.81 10.28 5.79
C CYS A 10 3.22 10.70 4.44
N ASN A 11 2.85 11.97 4.28
CA ASN A 11 2.39 12.45 2.98
C ASN A 11 3.48 12.30 1.93
N GLN A 12 4.71 12.68 2.26
CA GLN A 12 5.82 12.49 1.34
C GLN A 12 6.02 11.01 1.01
N THR A 13 5.88 10.15 2.00
CA THR A 13 6.10 8.73 1.81
C THR A 13 5.07 8.12 0.86
N ILE A 14 3.79 8.41 1.08
CA ILE A 14 2.77 7.80 0.22
C ILE A 14 2.88 8.35 -1.19
N LYS A 15 3.19 9.64 -1.32
CA LYS A 15 3.41 10.21 -2.65
C LYS A 15 4.59 9.53 -3.34
N GLU A 16 5.67 9.25 -2.60
CA GLU A 16 6.80 8.52 -3.18
C GLU A 16 6.38 7.16 -3.71
N LEU A 17 5.61 6.41 -2.91
CA LEU A 17 5.20 5.08 -3.36
C LEU A 17 4.32 5.13 -4.60
N MET A 18 3.49 6.18 -4.71
CA MET A 18 2.58 6.31 -5.83
C MET A 18 3.19 6.99 -7.02
N SER A 19 4.44 7.45 -6.92
CA SER A 19 5.08 8.28 -7.93
C SER A 19 5.24 7.54 -9.26
N LYS A 20 5.20 8.32 -10.34
CA LYS A 20 5.50 7.77 -11.65
C LYS A 20 6.92 7.23 -11.75
N LYS A 21 7.82 7.62 -10.84
CA LYS A 21 9.15 7.03 -10.78
C LYS A 21 9.09 5.51 -10.67
N HIS A 22 8.01 4.98 -10.11
CA HIS A 22 7.88 3.54 -9.88
C HIS A 22 6.74 2.94 -10.71
N TYR A 23 6.38 3.56 -11.83
CA TYR A 23 5.15 3.20 -12.54
C TYR A 23 5.15 1.74 -12.98
N ASN A 24 6.33 1.17 -13.23
CA ASN A 24 6.42 -0.18 -13.75
C ASN A 24 6.23 -1.24 -12.68
N TYR A 25 6.14 -0.86 -11.40
CA TYR A 25 5.85 -1.83 -10.37
C TYR A 25 4.89 -1.35 -9.29
N ASN A 26 4.40 -0.12 -9.35
CA ASN A 26 3.35 0.28 -8.41
C ASN A 26 1.94 0.16 -8.96
N PHE A 27 1.79 -0.07 -10.27
CA PHE A 27 0.45 -0.09 -10.84
C PHE A 27 -0.50 -1.10 -10.20
N PRO A 28 -0.07 -2.26 -9.69
CA PRO A 28 -1.05 -3.18 -9.08
C PRO A 28 -1.67 -2.66 -7.80
N PHE A 29 -1.09 -1.61 -7.20
CA PHE A 29 -1.39 -1.22 -5.83
C PHE A 29 -1.99 0.17 -5.70
N LEU A 30 -2.18 0.88 -6.82
CA LEU A 30 -2.56 2.29 -6.73
C LEU A 30 -4.02 2.48 -6.33
N ALA A 31 -4.88 1.54 -6.71
CA ALA A 31 -6.33 1.63 -6.54
C ALA A 31 -6.83 0.26 -6.05
N PRO A 32 -8.09 0.15 -5.63
CA PRO A 32 -8.57 -1.15 -5.13
C PRO A 32 -8.37 -2.29 -6.12
N VAL A 33 -8.12 -3.48 -5.57
CA VAL A 33 -7.98 -4.68 -6.38
C VAL A 33 -9.24 -4.90 -7.21
N ASP A 34 -9.05 -5.21 -8.49
CA ASP A 34 -10.16 -5.52 -9.39
C ASP A 34 -10.44 -7.00 -9.26
N THR A 35 -11.32 -7.34 -8.31
CA THR A 35 -11.57 -8.75 -7.99
C THR A 35 -12.30 -9.48 -9.11
N VAL A 36 -13.09 -8.76 -9.90
CA VAL A 36 -13.73 -9.37 -11.07
C VAL A 36 -12.70 -9.70 -12.13
N ALA A 37 -11.86 -8.72 -12.47
CA ALA A 37 -10.84 -8.93 -13.50
C ALA A 37 -9.88 -10.05 -13.12
N LEU A 38 -9.59 -10.20 -11.84
CA LEU A 38 -8.62 -11.18 -11.38
C LEU A 38 -9.25 -12.49 -10.94
N ASN A 39 -10.57 -12.64 -11.07
CA ASN A 39 -11.27 -13.89 -10.74
C ASN A 39 -11.01 -14.33 -9.31
N ILE A 40 -11.05 -13.36 -8.39
CA ILE A 40 -10.88 -13.61 -6.96
C ILE A 40 -12.09 -13.05 -6.22
N PRO A 41 -13.26 -13.66 -6.41
CA PRO A 41 -14.50 -13.05 -5.91
C PRO A 41 -14.57 -12.89 -4.40
N ASN A 42 -13.85 -13.70 -3.65
CA ASN A 42 -13.95 -13.67 -2.19
C ASN A 42 -12.81 -12.90 -1.54
N TYR A 43 -12.08 -12.12 -2.34
CA TYR A 43 -10.93 -11.36 -1.85
C TYR A 43 -11.24 -10.61 -0.55
N ASN A 44 -12.31 -9.82 -0.54
CA ASN A 44 -12.59 -8.99 0.63
C ASN A 44 -12.89 -9.82 1.87
N GLU A 45 -13.45 -11.01 1.70
CA GLU A 45 -13.79 -11.88 2.82
C GLU A 45 -12.63 -12.75 3.26
N ILE A 46 -11.54 -12.73 2.50
CA ILE A 46 -10.33 -13.48 2.84
C ILE A 46 -9.29 -12.59 3.51
N VAL A 47 -9.00 -11.42 2.93
CA VAL A 47 -8.02 -10.52 3.54
C VAL A 47 -8.58 -9.96 4.84
N LYS A 48 -7.68 -9.59 5.75
CA LYS A 48 -8.11 -9.03 7.03
C LYS A 48 -8.87 -7.73 6.79
N GLN A 49 -8.40 -6.94 5.82
CA GLN A 49 -8.93 -5.66 5.44
C GLN A 49 -8.32 -5.35 4.07
N PRO A 50 -9.12 -5.00 3.07
CA PRO A 50 -8.53 -4.58 1.79
C PRO A 50 -7.93 -3.19 1.92
N MET A 51 -6.89 -2.92 1.12
CA MET A 51 -6.24 -1.62 1.19
C MET A 51 -5.48 -1.39 -0.11
N ASP A 52 -5.32 -0.13 -0.46
CA ASP A 52 -4.56 0.28 -1.63
C ASP A 52 -3.90 1.62 -1.31
N LEU A 53 -2.91 2.00 -2.15
CA LEU A 53 -2.12 3.19 -1.84
C LEU A 53 -2.96 4.47 -1.90
N GLY A 54 -3.86 4.56 -2.88
CA GLY A 54 -4.71 5.74 -2.98
C GLY A 54 -5.59 5.93 -1.75
N THR A 55 -6.10 4.83 -1.20
CA THR A 55 -6.91 4.92 0.00
C THR A 55 -6.06 5.33 1.22
N ILE A 56 -4.82 4.86 1.30
CA ILE A 56 -3.94 5.34 2.35
C ILE A 56 -3.76 6.84 2.26
N GLN A 57 -3.52 7.34 1.04
CA GLN A 57 -3.35 8.78 0.86
C GLN A 57 -4.60 9.53 1.28
N SER A 58 -5.77 9.01 0.93
CA SER A 58 -7.03 9.66 1.31
C SER A 58 -7.29 9.57 2.82
N LYS A 59 -6.99 8.44 3.43
CA LYS A 59 -7.12 8.32 4.88
C LYS A 59 -6.21 9.31 5.59
N LEU A 60 -4.97 9.43 5.12
CA LEU A 60 -4.04 10.39 5.69
C LEU A 60 -4.58 11.81 5.58
N ALA A 61 -5.12 12.16 4.41
CA ALA A 61 -5.65 13.51 4.19
C ALA A 61 -6.84 13.79 5.11
N ASN A 62 -7.63 12.78 5.44
CA ASN A 62 -8.74 12.91 6.37
C ASN A 62 -8.31 12.69 7.81
N ASN A 63 -7.01 12.71 8.09
CA ASN A 63 -6.49 12.65 9.47
C ASN A 63 -6.95 11.40 10.20
N GLU A 64 -6.98 10.26 9.50
CA GLU A 64 -7.46 9.01 10.08
C GLU A 64 -6.42 8.27 10.91
N TYR A 65 -5.14 8.60 10.77
CA TYR A 65 -4.09 7.86 11.46
C TYR A 65 -3.69 8.62 12.73
N GLU A 66 -3.77 7.92 13.87
CA GLU A 66 -3.42 8.54 15.15
C GLU A 66 -1.93 8.82 15.25
N ASN A 67 -1.10 7.99 14.64
CA ASN A 67 0.35 8.18 14.62
C ASN A 67 0.90 7.53 13.36
N ALA A 68 2.18 7.75 13.11
CA ALA A 68 2.79 7.24 11.89
C ALA A 68 2.94 5.73 11.89
N ASP A 69 2.98 5.09 13.06
CA ASP A 69 2.96 3.63 13.09
C ASP A 69 1.68 3.08 12.49
N ASP A 70 0.55 3.76 12.71
CA ASP A 70 -0.72 3.27 12.16
C ASP A 70 -0.75 3.42 10.64
N PHE A 71 -0.16 4.51 10.14
CA PHE A 71 0.03 4.65 8.70
C PHE A 71 0.87 3.50 8.16
N GLU A 72 1.98 3.18 8.81
CA GLU A 72 2.82 2.07 8.38
C GLU A 72 2.04 0.77 8.33
N LYS A 73 1.17 0.54 9.31
CA LYS A 73 0.38 -0.69 9.33
C LYS A 73 -0.46 -0.85 8.07
N ASP A 74 -1.06 0.24 7.59
CA ASP A 74 -1.83 0.15 6.35
C ASP A 74 -0.95 -0.09 5.14
N VAL A 75 0.25 0.51 5.10
CA VAL A 75 1.18 0.22 4.02
C VAL A 75 1.52 -1.27 4.02
N ARG A 76 1.85 -1.82 5.19
CA ARG A 76 2.21 -3.23 5.28
C ARG A 76 1.06 -4.13 4.84
N LEU A 77 -0.18 -3.70 5.12
CA LEU A 77 -1.36 -4.46 4.73
C LEU A 77 -1.46 -4.60 3.22
N VAL A 78 -1.16 -3.53 2.47
CA VAL A 78 -1.14 -3.63 1.01
C VAL A 78 -0.27 -4.78 0.56
N PHE A 79 0.92 -4.89 1.15
CA PHE A 79 1.88 -5.90 0.73
C PHE A 79 1.54 -7.28 1.27
N LYS A 80 1.05 -7.36 2.52
CA LYS A 80 0.58 -8.65 3.03
C LYS A 80 -0.50 -9.22 2.13
N ASN A 81 -1.44 -8.39 1.71
CA ASN A 81 -2.52 -8.86 0.85
C ASN A 81 -1.98 -9.30 -0.51
N CYS A 82 -0.97 -8.58 -1.00
CA CYS A 82 -0.31 -8.99 -2.23
C CYS A 82 0.25 -10.41 -2.13
N TYR A 83 1.06 -10.67 -1.10
CA TYR A 83 1.73 -11.97 -1.02
C TYR A 83 0.74 -13.08 -0.74
N LEU A 84 -0.38 -12.78 -0.09
CA LEU A 84 -1.38 -13.79 0.19
C LEU A 84 -2.00 -14.33 -1.10
N PHE A 85 -2.11 -13.49 -2.12
CA PHE A 85 -2.77 -13.85 -3.38
C PHE A 85 -1.81 -14.03 -4.55
N ASN A 86 -0.53 -13.75 -4.38
CA ASN A 86 0.43 -13.80 -5.47
C ASN A 86 1.64 -14.58 -4.98
N PRO A 87 1.85 -15.80 -5.48
CA PRO A 87 2.93 -16.64 -4.96
C PRO A 87 4.31 -16.07 -5.25
N GLU A 88 5.27 -16.51 -4.44
CA GLU A 88 6.64 -16.07 -4.63
C GLU A 88 7.11 -16.42 -6.04
N GLY A 89 7.85 -15.50 -6.64
CA GLY A 89 8.33 -15.67 -7.98
C GLY A 89 7.40 -15.15 -9.06
N THR A 90 6.14 -14.88 -8.75
CA THR A 90 5.26 -14.35 -9.78
C THR A 90 5.50 -12.84 -9.95
N ASP A 91 5.08 -12.32 -11.10
CA ASP A 91 5.34 -10.94 -11.46
C ASP A 91 4.82 -9.97 -10.39
N VAL A 92 3.54 -10.13 -9.99
CA VAL A 92 2.95 -9.19 -9.05
C VAL A 92 3.58 -9.32 -7.66
N ASN A 93 3.91 -10.54 -7.26
CA ASN A 93 4.62 -10.72 -6.00
C ASN A 93 5.94 -9.98 -6.00
N MET A 94 6.70 -10.10 -7.10
CA MET A 94 7.99 -9.43 -7.18
C MET A 94 7.82 -7.91 -7.22
N MET A 95 6.80 -7.41 -7.92
CA MET A 95 6.53 -5.98 -7.90
C MET A 95 6.22 -5.49 -6.50
N GLY A 96 5.42 -6.27 -5.76
CA GLY A 96 5.12 -5.89 -4.37
C GLY A 96 6.36 -5.80 -3.52
N HIS A 97 7.23 -6.81 -3.60
CA HIS A 97 8.46 -6.76 -2.81
C HIS A 97 9.33 -5.58 -3.22
N ARG A 98 9.38 -5.29 -4.51
CA ARG A 98 10.19 -4.16 -4.95
C ARG A 98 9.66 -2.84 -4.40
N LEU A 99 8.34 -2.66 -4.46
CA LEU A 99 7.77 -1.42 -3.92
C LEU A 99 7.89 -1.38 -2.40
N GLU A 100 7.74 -2.52 -1.73
CA GLU A 100 7.92 -2.53 -0.28
C GLU A 100 9.35 -2.18 0.10
N ALA A 101 10.32 -2.55 -0.73
CA ALA A 101 11.70 -2.16 -0.47
C ALA A 101 11.88 -0.66 -0.59
N VAL A 102 11.17 -0.02 -1.53
CA VAL A 102 11.18 1.45 -1.61
C VAL A 102 10.68 2.04 -0.31
N PHE A 103 9.55 1.51 0.18
CA PHE A 103 9.01 1.97 1.46
C PHE A 103 10.03 1.77 2.58
N ASP A 104 10.61 0.57 2.67
CA ASP A 104 11.56 0.28 3.75
C ASP A 104 12.71 1.27 3.75
N LYS A 105 13.20 1.64 2.57
CA LYS A 105 14.31 2.59 2.50
C LYS A 105 13.89 3.97 3.01
N LYS A 106 12.71 4.43 2.62
CA LYS A 106 12.22 5.72 3.08
C LYS A 106 11.91 5.70 4.58
N TRP A 107 11.40 4.58 5.08
CA TRP A 107 10.94 4.48 6.45
C TRP A 107 12.07 4.24 7.45
N ALA A 108 13.22 3.76 7.00
CA ALA A 108 14.31 3.40 7.89
C ALA A 108 14.83 4.61 8.67
C1 GOL B . -4.49 -9.17 -5.88
O1 GOL B . -3.58 -9.81 -6.75
C2 GOL B . -3.78 -8.62 -4.65
O2 GOL B . -3.15 -9.70 -3.99
C3 GOL B . -2.74 -7.58 -5.08
O3 GOL B . -2.04 -7.06 -3.97
C1 GOL C . -6.47 -3.38 -10.03
O1 GOL C . -6.40 -4.77 -9.75
C2 GOL C . -5.33 -2.57 -9.39
O2 GOL C . -4.14 -2.82 -10.11
C3 GOL C . -5.57 -1.06 -9.42
O3 GOL C . -4.41 -0.37 -8.98
#